data_4MD0
#
_entry.id   4MD0
#
_cell.length_a   67.127
_cell.length_b   183.413
_cell.length_c   77.312
_cell.angle_alpha   90.00
_cell.angle_beta   90.00
_cell.angle_gamma   90.00
#
_symmetry.space_group_name_H-M   'C 2 2 21'
#
loop_
_entity.id
_entity.type
_entity.pdbx_description
1 polymer 'HLA class II histocompatibility antigen, DR alpha chain'
2 polymer 'HLA class II histocompatibility antigen, DRB1-4 beta chain'
3 polymer 'Citrullinated Vimentin'
4 branched 2-acetamido-2-deoxy-beta-D-glucopyranose-(1-4)-2-acetamido-2-deoxy-beta-D-glucopyranose
5 non-polymer 2-acetamido-2-deoxy-beta-D-glucopyranose
6 water water
#
loop_
_entity_poly.entity_id
_entity_poly.type
_entity_poly.pdbx_seq_one_letter_code
_entity_poly.pdbx_strand_id
1 'polypeptide(L)'
;IKEEHVIIQAEFYLNPDQSGEFMFDFDGDEIFHVDMAKKETVWRLEEFGRFASFEAQGALANIAVDKANLEIMTKRSNYT
PITNVPPEVTVLTNSPVELREPNVLICFIDKFTPPVVNVTWLRNGKPVTTGVSETVFLPREDHLFRKFHYLPFLPSTEDV
YDCRVEHWGLDEPLLKHWEFDTSGDDDDK
;
A
2 'polypeptide(L)'
;GSGDTRPRFLEQVKHECHFFNGTERVRFLDRYFYHQEEYVRFDSDVGEYRAVTELGRPDAEYWNSQKDLLEQKRAAVDTY
CRHNYGVGESFTVQRRVYPEVTVYPAKTQPLQHHNLLVCSVNGFYPGSIEVRWFRNGQEEKTGVVSTGLIQNGDWTFQTL
VMLETVPRSGEVYTCQVEHPSLTSPLTVEWRATGGDDDDK
;
B
3 'polypeptide(L)' GVYAT(CIR)SSAV(CIR)L(CIR) C
#
# COMPACT_ATOMS: atom_id res chain seq x y z
N GLU A 3 -10.12 12.34 9.40
CA GLU A 3 -8.99 11.88 10.20
C GLU A 3 -7.67 12.34 9.62
N GLU A 4 -6.65 12.42 10.48
CA GLU A 4 -5.32 12.82 10.03
C GLU A 4 -4.48 11.62 9.64
N HIS A 5 -4.52 10.57 10.46
CA HIS A 5 -3.70 9.40 10.22
C HIS A 5 -4.37 8.12 10.67
N VAL A 6 -3.98 7.01 10.04
CA VAL A 6 -4.48 5.71 10.43
C VAL A 6 -3.31 4.74 10.52
N ILE A 7 -3.25 4.00 11.62
CA ILE A 7 -2.25 2.96 11.78
C ILE A 7 -2.97 1.64 11.88
N ILE A 8 -2.59 0.69 11.04
CA ILE A 8 -3.26 -0.59 11.04
C ILE A 8 -2.25 -1.71 11.24
N GLN A 9 -2.55 -2.58 12.19
CA GLN A 9 -1.84 -3.84 12.35
C GLN A 9 -2.64 -4.88 11.61
N ALA A 10 -2.13 -5.32 10.46
CA ALA A 10 -2.86 -6.22 9.60
C ALA A 10 -2.24 -7.59 9.60
N GLU A 11 -3.08 -8.61 9.73
CA GLU A 11 -2.60 -9.98 9.82
C GLU A 11 -3.42 -10.83 8.85
N PHE A 12 -2.81 -11.88 8.30
CA PHE A 12 -3.62 -12.91 7.64
C PHE A 12 -3.01 -14.29 7.81
N TYR A 13 -3.85 -15.30 7.65
CA TYR A 13 -3.43 -16.69 7.56
C TYR A 13 -4.22 -17.39 6.47
N LEU A 14 -3.51 -18.15 5.64
CA LEU A 14 -4.12 -18.77 4.47
C LEU A 14 -3.92 -20.28 4.46
N ASN A 15 -5.03 -21.00 4.32
CA ASN A 15 -5.00 -22.44 4.14
C ASN A 15 -5.34 -22.76 2.69
N PRO A 16 -4.81 -23.86 2.13
CA PRO A 16 -3.98 -24.88 2.78
C PRO A 16 -2.49 -24.54 2.71
N ASP A 17 -2.18 -23.35 2.24
CA ASP A 17 -0.79 -22.94 2.04
C ASP A 17 -0.03 -22.81 3.35
N GLN A 18 -0.76 -22.61 4.45
CA GLN A 18 -0.16 -22.36 5.77
C GLN A 18 0.75 -21.15 5.69
N SER A 19 0.29 -20.11 5.00
CA SER A 19 1.01 -18.85 4.92
C SER A 19 0.40 -17.80 5.84
N GLY A 20 1.25 -17.17 6.64
CA GLY A 20 0.81 -16.11 7.54
C GLY A 20 1.62 -14.83 7.54
N GLU A 21 0.96 -13.68 7.54
CA GLU A 21 1.69 -12.41 7.50
C GLU A 21 1.24 -11.50 8.64
N PHE A 22 2.15 -10.64 9.06
CA PHE A 22 1.89 -9.69 10.12
C PHE A 22 2.64 -8.42 9.73
N MET A 23 1.93 -7.30 9.67
CA MET A 23 2.57 -6.05 9.30
C MET A 23 1.88 -4.85 9.91
N PHE A 24 2.59 -3.72 9.91
CA PHE A 24 2.02 -2.46 10.34
C PHE A 24 1.97 -1.50 9.16
N ASP A 25 0.87 -0.78 9.05
CA ASP A 25 0.65 0.16 7.97
C ASP A 25 0.42 1.55 8.55
N PHE A 26 1.04 2.55 7.94
CA PHE A 26 0.79 3.93 8.30
C PHE A 26 0.35 4.66 7.04
N ASP A 27 -0.91 5.10 7.00
CA ASP A 27 -1.45 5.85 5.87
C ASP A 27 -1.21 5.18 4.52
N GLY A 28 -1.19 3.84 4.51
CA GLY A 28 -1.01 3.10 3.27
C GLY A 28 0.41 2.66 2.97
N ASP A 29 1.36 3.05 3.81
CA ASP A 29 2.73 2.56 3.66
C ASP A 29 3.11 1.60 4.79
N GLU A 30 3.97 0.64 4.47
CA GLU A 30 4.35 -0.37 5.43
C GLU A 30 5.43 0.17 6.37
N ILE A 31 5.19 0.09 7.68
CA ILE A 31 6.23 0.45 8.64
C ILE A 31 7.20 -0.72 8.78
N PHE A 32 6.63 -1.89 9.04
CA PHE A 32 7.39 -3.12 9.11
C PHE A 32 6.48 -4.33 8.94
N HIS A 33 7.10 -5.48 8.69
CA HIS A 33 6.44 -6.77 8.78
C HIS A 33 7.33 -7.74 9.55
N VAL A 34 6.77 -8.89 9.92
CA VAL A 34 7.56 -9.91 10.59
C VAL A 34 7.87 -11.09 9.68
N ASP A 35 9.16 -11.37 9.52
CA ASP A 35 9.63 -12.58 8.85
C ASP A 35 9.34 -13.78 9.75
N MET A 36 8.32 -14.56 9.42
CA MET A 36 7.87 -15.65 10.30
C MET A 36 8.90 -16.76 10.47
N ALA A 37 9.60 -17.09 9.38
CA ALA A 37 10.58 -18.16 9.41
C ALA A 37 11.81 -17.77 10.25
N LYS A 38 12.25 -16.53 10.13
CA LYS A 38 13.41 -16.06 10.87
C LYS A 38 13.03 -15.48 12.23
N LYS A 39 11.73 -15.27 12.43
CA LYS A 39 11.23 -14.64 13.65
C LYS A 39 11.91 -13.30 13.85
N GLU A 40 11.95 -12.50 12.79
CA GLU A 40 12.59 -11.19 12.83
C GLU A 40 11.74 -10.05 12.26
N THR A 41 11.91 -8.88 12.85
CA THR A 41 11.23 -7.67 12.41
C THR A 41 11.99 -7.06 11.24
N VAL A 42 11.28 -6.82 10.15
CA VAL A 42 11.88 -6.24 8.95
C VAL A 42 11.31 -4.86 8.71
N TRP A 43 12.12 -3.84 8.97
CA TRP A 43 11.68 -2.47 8.81
C TRP A 43 11.70 -2.10 7.33
N ARG A 44 10.68 -1.38 6.88
CA ARG A 44 10.53 -1.09 5.45
C ARG A 44 11.64 -0.16 4.97
N LEU A 45 11.96 0.83 5.79
CA LEU A 45 13.14 1.66 5.61
C LEU A 45 14.07 1.39 6.78
N GLU A 46 15.35 1.17 6.51
CA GLU A 46 16.29 0.79 7.57
C GLU A 46 16.34 1.79 8.71
N GLU A 47 16.16 3.07 8.41
CA GLU A 47 16.20 4.10 9.44
C GLU A 47 15.14 3.88 10.52
N PHE A 48 14.02 3.27 10.15
CA PHE A 48 12.92 3.08 11.10
C PHE A 48 13.41 2.29 12.31
N GLY A 49 14.27 1.30 12.05
CA GLY A 49 14.72 0.41 13.11
C GLY A 49 15.73 1.04 14.05
N ARG A 50 16.21 2.23 13.72
CA ARG A 50 17.12 2.97 14.60
C ARG A 50 16.33 3.73 15.66
N PHE A 51 15.04 3.94 15.39
CA PHE A 51 14.17 4.77 16.23
C PHE A 51 13.14 3.95 17.01
N ALA A 52 12.86 2.74 16.54
CA ALA A 52 11.84 1.91 17.17
C ALA A 52 12.23 0.44 17.19
N SER A 53 11.54 -0.33 18.02
CA SER A 53 11.77 -1.77 18.08
C SER A 53 10.43 -2.49 18.10
N PHE A 54 10.46 -3.78 17.79
CA PHE A 54 9.28 -4.61 17.92
C PHE A 54 9.62 -6.04 18.27
N GLU A 55 8.97 -6.57 19.32
CA GLU A 55 9.18 -7.96 19.71
C GLU A 55 8.44 -8.87 18.73
N ALA A 56 9.19 -9.45 17.80
CA ALA A 56 8.63 -10.26 16.73
C ALA A 56 7.81 -11.44 17.25
N GLN A 57 8.15 -11.91 18.44
CA GLN A 57 7.47 -13.07 19.02
C GLN A 57 5.98 -12.83 19.17
N GLY A 58 5.59 -11.59 19.46
CA GLY A 58 4.18 -11.30 19.61
C GLY A 58 3.42 -11.54 18.33
N ALA A 59 4.07 -11.32 17.19
CA ALA A 59 3.41 -11.58 15.90
C ALA A 59 3.12 -13.06 15.73
N LEU A 60 4.07 -13.88 16.17
CA LEU A 60 3.95 -15.34 16.06
C LEU A 60 2.74 -15.85 16.84
N ALA A 61 2.52 -15.27 18.01
CA ALA A 61 1.39 -15.67 18.86
C ALA A 61 0.07 -15.33 18.18
N ASN A 62 -0.01 -14.15 17.59
CA ASN A 62 -1.20 -13.73 16.87
C ASN A 62 -1.51 -14.63 15.67
N ILE A 63 -0.48 -14.98 14.92
CA ILE A 63 -0.67 -15.82 13.74
C ILE A 63 -1.16 -17.20 14.15
N ALA A 64 -0.69 -17.69 15.29
CA ALA A 64 -1.14 -18.98 15.80
C ALA A 64 -2.63 -18.89 16.13
N VAL A 65 -3.05 -17.77 16.71
CA VAL A 65 -4.46 -17.54 17.00
C VAL A 65 -5.25 -17.44 15.69
N ASP A 66 -4.70 -16.75 14.70
CA ASP A 66 -5.35 -16.59 13.41
C ASP A 66 -5.53 -17.95 12.73
N LYS A 67 -4.54 -18.82 12.90
CA LYS A 67 -4.61 -20.17 12.35
C LYS A 67 -5.74 -20.97 12.99
N ALA A 68 -5.84 -20.92 14.31
CA ALA A 68 -6.89 -21.61 15.02
C ALA A 68 -8.26 -21.05 14.68
N ASN A 69 -8.35 -19.72 14.57
CA ASN A 69 -9.60 -19.09 14.19
C ASN A 69 -10.06 -19.43 12.78
N LEU A 70 -9.12 -19.51 11.84
CA LEU A 70 -9.47 -19.87 10.48
C LEU A 70 -10.12 -21.25 10.37
N GLU A 71 -9.58 -22.21 11.12
CA GLU A 71 -10.14 -23.55 11.16
C GLU A 71 -11.60 -23.52 11.60
N ILE A 72 -11.84 -22.77 12.67
CA ILE A 72 -13.18 -22.62 13.23
C ILE A 72 -14.13 -21.99 12.20
N MET A 73 -13.69 -20.91 11.57
N MET A 73 -13.70 -20.90 11.57
CA MET A 73 -14.55 -20.15 10.65
CA MET A 73 -14.54 -20.16 10.63
C MET A 73 -14.75 -20.90 9.32
C MET A 73 -14.77 -20.92 9.33
N THR A 74 -13.75 -21.67 8.91
CA THR A 74 -13.88 -22.51 7.73
C THR A 74 -15.02 -23.50 7.94
N LYS A 75 -15.02 -24.12 9.12
CA LYS A 75 -16.06 -25.05 9.53
C LYS A 75 -17.44 -24.38 9.63
N ARG A 76 -17.48 -23.21 10.28
CA ARG A 76 -18.72 -22.46 10.45
C ARG A 76 -19.37 -22.10 9.11
N SER A 77 -18.54 -21.83 8.11
CA SER A 77 -19.01 -21.42 6.79
C SER A 77 -19.41 -22.61 5.91
N ASN A 78 -19.36 -23.82 6.49
CA ASN A 78 -19.54 -25.06 5.73
C ASN A 78 -18.52 -25.17 4.60
N TYR A 79 -17.28 -24.83 4.94
CA TYR A 79 -16.14 -24.93 4.02
C TYR A 79 -16.33 -24.13 2.72
N THR A 80 -16.84 -22.91 2.86
CA THR A 80 -16.97 -22.00 1.73
C THR A 80 -15.62 -21.37 1.44
N PRO A 81 -15.09 -21.62 0.25
CA PRO A 81 -13.75 -21.11 -0.09
C PRO A 81 -13.75 -19.70 -0.64
N ILE A 82 -12.55 -19.11 -0.72
CA ILE A 82 -12.40 -17.78 -1.27
C ILE A 82 -12.64 -17.78 -2.78
N THR A 83 -13.21 -16.70 -3.29
CA THR A 83 -13.34 -16.52 -4.72
C THR A 83 -12.11 -15.76 -5.18
N ASN A 84 -11.42 -16.29 -6.20
CA ASN A 84 -10.23 -15.63 -6.73
C ASN A 84 -10.57 -14.28 -7.34
N VAL A 85 -9.78 -13.27 -6.99
CA VAL A 85 -9.91 -11.97 -7.62
C VAL A 85 -8.58 -11.66 -8.28
N PRO A 86 -8.55 -11.64 -9.61
CA PRO A 86 -7.28 -11.48 -10.31
C PRO A 86 -6.75 -10.05 -10.20
N PRO A 87 -5.41 -9.89 -10.26
CA PRO A 87 -4.80 -8.58 -10.07
C PRO A 87 -4.85 -7.63 -11.27
N GLU A 88 -4.80 -6.33 -10.97
CA GLU A 88 -4.45 -5.32 -11.96
C GLU A 88 -2.95 -5.07 -11.88
N VAL A 89 -2.28 -4.97 -13.01
CA VAL A 89 -0.83 -4.81 -12.98
C VAL A 89 -0.38 -3.58 -13.77
N THR A 90 0.50 -2.80 -13.16
CA THR A 90 1.05 -1.60 -13.79
CA THR A 90 1.05 -1.65 -13.86
C THR A 90 2.56 -1.63 -13.70
N VAL A 91 3.24 -1.24 -14.76
CA VAL A 91 4.68 -1.09 -14.73
C VAL A 91 5.02 0.36 -14.99
N LEU A 92 5.85 0.92 -14.15
CA LEU A 92 6.28 2.30 -14.28
C LEU A 92 7.71 2.46 -13.79
N THR A 93 8.32 3.60 -14.07
CA THR A 93 9.64 3.89 -13.55
C THR A 93 9.49 4.81 -12.35
N ASN A 94 10.48 4.78 -11.47
CA ASN A 94 10.43 5.60 -10.27
C ASN A 94 10.90 7.04 -10.49
N SER A 95 11.50 7.32 -11.65
CA SER A 95 11.87 8.68 -12.03
C SER A 95 11.82 8.82 -13.55
N PRO A 96 11.78 10.06 -14.05
CA PRO A 96 11.84 10.23 -15.51
C PRO A 96 13.05 9.52 -16.09
N VAL A 97 12.87 8.88 -17.24
CA VAL A 97 13.92 8.05 -17.81
C VAL A 97 14.90 8.84 -18.68
N GLU A 98 16.18 8.64 -18.40
CA GLU A 98 17.25 9.18 -19.22
C GLU A 98 18.18 8.03 -19.58
N LEU A 99 18.63 7.99 -20.83
CA LEU A 99 19.51 6.92 -21.30
C LEU A 99 20.76 6.77 -20.43
N ARG A 100 21.07 5.52 -20.10
CA ARG A 100 22.21 5.17 -19.24
C ARG A 100 22.31 5.99 -17.94
N GLU A 101 21.16 6.44 -17.46
CA GLU A 101 21.03 7.01 -16.12
C GLU A 101 20.21 6.05 -15.28
N PRO A 102 20.82 5.52 -14.20
CA PRO A 102 20.23 4.49 -13.33
C PRO A 102 18.81 4.83 -12.94
N ASN A 103 17.92 3.86 -13.07
CA ASN A 103 16.52 4.07 -12.75
C ASN A 103 15.99 2.80 -12.09
N VAL A 104 14.71 2.79 -11.75
CA VAL A 104 14.12 1.60 -11.14
C VAL A 104 12.77 1.32 -11.77
N LEU A 105 12.58 0.10 -12.25
CA LEU A 105 11.27 -0.33 -12.70
C LEU A 105 10.46 -0.82 -11.51
N ILE A 106 9.20 -0.39 -11.47
CA ILE A 106 8.28 -0.81 -10.44
C ILE A 106 7.13 -1.60 -11.06
N CYS A 107 6.88 -2.79 -10.52
CA CYS A 107 5.71 -3.55 -10.93
C CYS A 107 4.70 -3.49 -9.79
N PHE A 108 3.57 -2.86 -10.05
CA PHE A 108 2.54 -2.70 -9.04
C PHE A 108 1.44 -3.71 -9.29
N ILE A 109 1.24 -4.59 -8.32
CA ILE A 109 0.25 -5.65 -8.44
C ILE A 109 -0.83 -5.32 -7.42
N ASP A 110 -2.06 -5.15 -7.89
CA ASP A 110 -3.10 -4.50 -7.10
C ASP A 110 -4.45 -5.20 -7.18
N LYS A 111 -5.26 -5.04 -6.13
CA LYS A 111 -6.66 -5.46 -6.12
C LYS A 111 -6.86 -6.95 -6.35
N PHE A 112 -6.12 -7.78 -5.62
CA PHE A 112 -6.24 -9.22 -5.82
C PHE A 112 -6.38 -10.00 -4.51
N THR A 113 -6.89 -11.22 -4.63
CA THR A 113 -6.93 -12.15 -3.51
C THR A 113 -7.17 -13.54 -4.13
N PRO A 114 -6.67 -14.60 -3.48
CA PRO A 114 -5.88 -14.66 -2.23
C PRO A 114 -4.49 -14.06 -2.39
N PRO A 115 -3.81 -13.78 -1.28
CA PRO A 115 -2.46 -13.19 -1.31
C PRO A 115 -1.41 -14.22 -1.68
N VAL A 116 -1.47 -14.69 -2.92
CA VAL A 116 -0.47 -15.59 -3.49
C VAL A 116 -0.25 -15.22 -4.94
N VAL A 117 1.00 -14.92 -5.28
CA VAL A 117 1.32 -14.51 -6.64
C VAL A 117 2.73 -14.96 -7.03
N ASN A 118 2.92 -15.28 -8.30
CA ASN A 118 4.25 -15.48 -8.85
C ASN A 118 4.58 -14.29 -9.74
N VAL A 119 5.69 -13.62 -9.44
CA VAL A 119 6.09 -12.47 -10.23
C VAL A 119 7.48 -12.67 -10.79
N THR A 120 7.61 -12.45 -12.09
CA THR A 120 8.90 -12.57 -12.75
C THR A 120 9.20 -11.33 -13.57
N TRP A 121 10.41 -10.81 -13.43
CA TRP A 121 10.90 -9.76 -14.30
C TRP A 121 11.53 -10.39 -15.52
N LEU A 122 11.20 -9.87 -16.69
CA LEU A 122 11.77 -10.35 -17.94
C LEU A 122 12.51 -9.22 -18.62
N ARG A 123 13.74 -9.49 -19.05
CA ARG A 123 14.50 -8.56 -19.85
C ARG A 123 14.73 -9.22 -21.19
N ASN A 124 14.19 -8.62 -22.25
CA ASN A 124 14.23 -9.22 -23.57
C ASN A 124 13.71 -10.64 -23.58
N GLY A 125 12.66 -10.89 -22.79
CA GLY A 125 12.04 -12.20 -22.76
C GLY A 125 12.71 -13.21 -21.84
N LYS A 126 13.74 -12.76 -21.13
CA LYS A 126 14.48 -13.65 -20.24
C LYS A 126 14.35 -13.23 -18.78
N PRO A 127 14.17 -14.22 -17.89
CA PRO A 127 14.04 -13.94 -16.46
C PRO A 127 15.29 -13.27 -15.92
N VAL A 128 15.10 -12.22 -15.13
CA VAL A 128 16.22 -11.54 -14.49
C VAL A 128 15.98 -11.42 -12.99
N THR A 129 17.04 -11.61 -12.21
CA THR A 129 16.89 -11.60 -10.76
C THR A 129 17.94 -10.72 -10.08
N THR A 130 18.92 -10.24 -10.85
CA THR A 130 19.97 -9.41 -10.28
C THR A 130 19.42 -8.08 -9.79
N GLY A 131 19.50 -7.87 -8.48
CA GLY A 131 19.14 -6.61 -7.87
C GLY A 131 17.66 -6.42 -7.58
N VAL A 132 16.85 -7.41 -7.88
CA VAL A 132 15.41 -7.29 -7.66
C VAL A 132 15.05 -7.32 -6.18
N SER A 133 13.92 -6.70 -5.85
CA SER A 133 13.40 -6.72 -4.50
C SER A 133 11.88 -6.66 -4.58
N GLU A 134 11.22 -6.85 -3.44
CA GLU A 134 9.76 -6.89 -3.41
C GLU A 134 9.24 -6.64 -2.01
N THR A 135 8.00 -6.21 -1.93
CA THR A 135 7.33 -6.04 -0.63
C THR A 135 6.54 -7.30 -0.30
N VAL A 136 6.11 -7.39 0.95
CA VAL A 136 5.14 -8.40 1.34
C VAL A 136 3.79 -7.97 0.78
N PHE A 137 2.76 -8.73 1.10
CA PHE A 137 1.41 -8.39 0.66
C PHE A 137 0.87 -7.25 1.51
N LEU A 138 0.38 -6.21 0.85
CA LEU A 138 -0.04 -5.02 1.55
C LEU A 138 -1.56 -4.96 1.53
N PRO A 139 -2.17 -4.58 2.66
CA PRO A 139 -3.62 -4.60 2.79
C PRO A 139 -4.31 -3.45 2.07
N ARG A 140 -5.50 -3.72 1.52
CA ARG A 140 -6.34 -2.67 0.97
C ARG A 140 -7.59 -2.45 1.83
N GLU A 141 -8.19 -1.27 1.72
CA GLU A 141 -9.39 -0.98 2.50
C GLU A 141 -10.60 -1.80 2.07
N ASP A 142 -10.54 -2.37 0.87
CA ASP A 142 -11.60 -3.28 0.42
C ASP A 142 -11.20 -4.72 0.74
N HIS A 143 -10.08 -4.87 1.45
CA HIS A 143 -9.63 -6.14 2.02
C HIS A 143 -9.11 -7.12 0.98
N LEU A 144 -8.85 -6.59 -0.21
CA LEU A 144 -7.99 -7.23 -1.19
C LEU A 144 -6.54 -6.85 -0.86
N PHE A 145 -5.62 -7.12 -1.77
CA PHE A 145 -4.21 -6.88 -1.52
C PHE A 145 -3.47 -6.13 -2.63
N ARG A 146 -2.30 -5.62 -2.26
CA ARG A 146 -1.37 -4.83 -3.07
CA ARG A 146 -1.42 -5.04 -3.26
C ARG A 146 0.00 -5.44 -2.95
N LYS A 147 0.86 -5.27 -3.93
CA LYS A 147 2.23 -5.72 -3.80
C LYS A 147 3.12 -4.97 -4.79
N PHE A 148 4.38 -4.78 -4.42
CA PHE A 148 5.34 -4.10 -5.29
C PHE A 148 6.54 -4.97 -5.58
N HIS A 149 6.98 -4.95 -6.83
CA HIS A 149 8.24 -5.60 -7.18
C HIS A 149 9.14 -4.55 -7.84
N TYR A 150 10.45 -4.65 -7.61
CA TYR A 150 11.36 -3.62 -8.06
C TYR A 150 12.53 -4.19 -8.86
N LEU A 151 12.94 -3.44 -9.88
CA LEU A 151 14.09 -3.81 -10.69
C LEU A 151 14.94 -2.60 -11.04
N PRO A 152 16.09 -2.45 -10.36
CA PRO A 152 17.05 -1.42 -10.78
C PRO A 152 17.53 -1.75 -12.18
N PHE A 153 17.67 -0.75 -13.04
CA PHE A 153 18.11 -1.02 -14.40
C PHE A 153 18.77 0.20 -15.00
N LEU A 154 19.54 -0.04 -16.05
CA LEU A 154 20.20 1.01 -16.80
C LEU A 154 19.51 1.18 -18.14
N PRO A 155 18.74 2.27 -18.31
CA PRO A 155 17.94 2.46 -19.52
C PRO A 155 18.76 2.46 -20.81
N SER A 156 18.25 1.76 -21.81
CA SER A 156 18.90 1.67 -23.12
C SER A 156 17.84 1.43 -24.19
N THR A 157 18.17 1.75 -25.44
CA THR A 157 17.26 1.52 -26.54
C THR A 157 17.19 0.04 -26.93
N GLU A 158 18.12 -0.76 -26.39
CA GLU A 158 18.25 -2.15 -26.81
C GLU A 158 17.49 -3.15 -25.95
N ASP A 159 17.01 -2.71 -24.79
CA ASP A 159 16.33 -3.61 -23.88
C ASP A 159 14.85 -3.29 -23.72
N VAL A 160 14.04 -4.34 -23.69
CA VAL A 160 12.65 -4.22 -23.31
C VAL A 160 12.43 -5.04 -22.06
N TYR A 161 11.43 -4.66 -21.28
CA TYR A 161 11.13 -5.34 -20.03
C TYR A 161 9.66 -5.73 -19.97
N ASP A 162 9.38 -6.77 -19.20
CA ASP A 162 8.01 -7.15 -18.89
C ASP A 162 7.93 -7.57 -17.44
N CYS A 163 6.82 -7.24 -16.78
CA CYS A 163 6.53 -7.85 -15.50
C CYS A 163 5.50 -8.95 -15.72
N ARG A 164 5.84 -10.18 -15.36
CA ARG A 164 4.93 -11.29 -15.56
C ARG A 164 4.32 -11.73 -14.25
N VAL A 165 3.00 -11.72 -14.19
CA VAL A 165 2.30 -12.03 -12.95
C VAL A 165 1.38 -13.23 -13.10
N GLU A 166 1.55 -14.23 -12.25
CA GLU A 166 0.67 -15.38 -12.20
C GLU A 166 -0.18 -15.36 -10.95
N HIS A 167 -1.47 -15.62 -11.11
CA HIS A 167 -2.42 -15.65 -10.00
C HIS A 167 -3.53 -16.60 -10.40
N TRP A 168 -4.09 -17.32 -9.43
CA TRP A 168 -5.10 -18.33 -9.71
C TRP A 168 -6.36 -17.74 -10.34
N GLY A 169 -6.55 -16.43 -10.19
CA GLY A 169 -7.70 -15.76 -10.79
C GLY A 169 -7.46 -15.44 -12.27
N LEU A 170 -6.24 -15.66 -12.75
CA LEU A 170 -5.91 -15.41 -14.15
C LEU A 170 -5.91 -16.73 -14.94
N ASP A 171 -6.46 -16.69 -16.14
CA ASP A 171 -6.48 -17.87 -17.01
C ASP A 171 -5.11 -18.13 -17.61
N GLU A 172 -4.37 -17.05 -17.85
CA GLU A 172 -3.00 -17.12 -18.35
C GLU A 172 -2.20 -16.03 -17.65
N PRO A 173 -0.85 -16.17 -17.63
CA PRO A 173 -0.08 -15.10 -16.98
C PRO A 173 -0.25 -13.74 -17.64
N LEU A 174 -0.21 -12.71 -16.81
CA LEU A 174 -0.37 -11.33 -17.26
C LEU A 174 1.00 -10.68 -17.44
N LEU A 175 1.25 -10.18 -18.64
CA LEU A 175 2.49 -9.46 -18.92
C LEU A 175 2.25 -7.98 -19.14
N LYS A 176 2.95 -7.14 -18.39
CA LYS A 176 2.88 -5.71 -18.60
C LYS A 176 4.25 -5.22 -19.07
N HIS A 177 4.24 -4.49 -20.18
CA HIS A 177 5.46 -4.17 -20.91
C HIS A 177 6.00 -2.80 -20.54
N TRP A 178 7.32 -2.65 -20.63
CA TRP A 178 7.94 -1.34 -20.60
C TRP A 178 9.10 -1.29 -21.58
N GLU A 179 9.20 -0.20 -22.33
CA GLU A 179 10.39 0.04 -23.13
C GLU A 179 10.63 1.54 -23.25
N PHE A 180 11.88 1.91 -23.56
CA PHE A 180 12.29 3.30 -23.62
C PHE A 180 11.51 4.11 -24.66
N ASP A 181 10.92 5.21 -24.20
CA ASP A 181 10.06 6.04 -25.02
C ASP A 181 10.94 6.92 -25.91
N ASP B 4 -2.61 -25.79 -9.30
CA ASP B 4 -3.17 -25.98 -7.97
C ASP B 4 -4.57 -25.40 -7.90
N THR B 5 -5.57 -26.28 -7.94
CA THR B 5 -6.97 -25.88 -7.96
C THR B 5 -7.63 -26.05 -6.59
N ARG B 6 -6.84 -26.46 -5.61
CA ARG B 6 -7.37 -26.65 -4.26
C ARG B 6 -8.00 -25.36 -3.75
N PRO B 7 -9.15 -25.47 -3.08
CA PRO B 7 -9.82 -24.30 -2.50
C PRO B 7 -8.97 -23.64 -1.44
N ARG B 8 -9.03 -22.30 -1.39
CA ARG B 8 -8.30 -21.56 -0.39
C ARG B 8 -9.25 -20.98 0.65
N PHE B 9 -8.74 -20.78 1.85
CA PHE B 9 -9.51 -20.19 2.93
C PHE B 9 -8.61 -19.18 3.62
N LEU B 10 -9.12 -17.97 3.80
CA LEU B 10 -8.31 -16.87 4.29
C LEU B 10 -8.91 -16.23 5.54
N GLU B 11 -8.05 -16.05 6.54
CA GLU B 11 -8.44 -15.28 7.71
C GLU B 11 -7.64 -13.99 7.72
N GLN B 12 -8.31 -12.87 7.97
CA GLN B 12 -7.61 -11.60 8.16
C GLN B 12 -8.04 -10.97 9.47
N VAL B 13 -7.12 -10.24 10.09
CA VAL B 13 -7.43 -9.42 11.25
C VAL B 13 -6.80 -8.06 11.02
N LYS B 14 -7.56 -7.00 11.29
CA LYS B 14 -6.99 -5.67 11.19
C LYS B 14 -7.28 -4.89 12.45
N HIS B 15 -6.21 -4.51 13.16
CA HIS B 15 -6.36 -3.72 14.36
C HIS B 15 -6.04 -2.29 13.98
N GLU B 16 -7.06 -1.45 13.94
CA GLU B 16 -6.92 -0.12 13.35
C GLU B 16 -6.97 0.98 14.39
N CYS B 17 -6.08 1.94 14.24
CA CYS B 17 -6.08 3.13 15.08
C CYS B 17 -6.27 4.36 14.22
N HIS B 18 -7.34 5.10 14.49
CA HIS B 18 -7.66 6.29 13.71
C HIS B 18 -7.44 7.56 14.53
N PHE B 19 -6.65 8.48 13.98
CA PHE B 19 -6.25 9.66 14.72
C PHE B 19 -6.79 10.95 14.11
N PHE B 20 -7.31 11.82 14.98
CA PHE B 20 -7.89 13.09 14.59
C PHE B 20 -7.23 14.16 15.46
N ASN B 21 -6.67 15.21 14.86
CA ASN B 21 -6.03 16.28 15.62
C ASN B 21 -4.93 15.74 16.55
N GLY B 22 -3.89 15.15 15.97
CA GLY B 22 -2.88 14.49 16.79
C GLY B 22 -3.46 13.26 17.46
N THR B 23 -3.36 13.23 18.78
CA THR B 23 -3.96 12.16 19.57
C THR B 23 -5.12 12.68 20.42
N GLU B 24 -5.68 13.83 20.05
CA GLU B 24 -6.78 14.42 20.81
C GLU B 24 -8.03 13.54 20.73
N ARG B 25 -8.29 13.01 19.53
CA ARG B 25 -9.40 12.10 19.33
C ARG B 25 -8.88 10.85 18.63
N VAL B 26 -9.16 9.69 19.22
CA VAL B 26 -8.65 8.42 18.69
C VAL B 26 -9.77 7.39 18.66
N ARG B 27 -9.84 6.61 17.58
CA ARG B 27 -10.83 5.54 17.50
C ARG B 27 -10.10 4.23 17.20
N PHE B 28 -10.49 3.18 17.91
CA PHE B 28 -9.86 1.87 17.76
C PHE B 28 -10.86 0.88 17.19
N LEU B 29 -10.45 0.17 16.16
CA LEU B 29 -11.28 -0.87 15.55
C LEU B 29 -10.58 -2.22 15.54
N ASP B 30 -11.23 -3.24 16.10
CA ASP B 30 -10.69 -4.60 16.09
C ASP B 30 -11.54 -5.36 15.07
N ARG B 31 -10.95 -5.68 13.92
CA ARG B 31 -11.76 -6.15 12.80
C ARG B 31 -11.34 -7.54 12.39
N TYR B 32 -12.32 -8.43 12.23
CA TYR B 32 -12.01 -9.79 11.84
C TYR B 32 -12.64 -10.10 10.47
N PHE B 33 -11.91 -10.77 9.59
CA PHE B 33 -12.40 -10.98 8.23
C PHE B 33 -12.27 -12.44 7.84
N TYR B 34 -13.27 -12.94 7.13
CA TYR B 34 -13.18 -14.26 6.52
C TYR B 34 -13.19 -14.10 5.01
N HIS B 35 -12.10 -14.49 4.34
CA HIS B 35 -11.86 -14.07 2.96
C HIS B 35 -11.79 -12.56 2.84
N GLN B 36 -12.76 -11.96 2.16
CA GLN B 36 -12.84 -10.52 2.03
C GLN B 36 -13.90 -9.87 2.92
N GLU B 37 -14.77 -10.71 3.48
CA GLU B 37 -15.92 -10.28 4.26
CA GLU B 37 -15.90 -10.23 4.25
C GLU B 37 -15.62 -10.03 5.75
N GLU B 38 -15.82 -8.79 6.21
CA GLU B 38 -15.74 -8.49 7.66
C GLU B 38 -16.92 -9.17 8.34
N TYR B 39 -16.68 -9.98 9.37
CA TYR B 39 -17.78 -10.67 10.02
CA TYR B 39 -17.76 -10.72 10.03
C TYR B 39 -18.05 -10.26 11.46
N VAL B 40 -17.06 -9.68 12.15
CA VAL B 40 -17.27 -9.18 13.50
C VAL B 40 -16.25 -8.07 13.79
N ARG B 41 -16.63 -7.11 14.62
CA ARG B 41 -15.73 -5.99 14.94
C ARG B 41 -15.95 -5.39 16.34
N PHE B 42 -14.87 -4.91 16.93
CA PHE B 42 -14.95 -4.05 18.11
C PHE B 42 -14.69 -2.63 17.67
N ASP B 43 -15.64 -1.75 17.99
CA ASP B 43 -15.52 -0.32 17.72
C ASP B 43 -15.41 0.38 19.07
N SER B 44 -14.35 1.16 19.27
CA SER B 44 -14.16 1.87 20.55
C SER B 44 -15.30 2.85 20.82
N ASP B 45 -16.00 3.26 19.77
CA ASP B 45 -17.18 4.11 19.91
C ASP B 45 -18.31 3.37 20.62
N VAL B 46 -18.27 2.05 20.56
CA VAL B 46 -19.34 1.23 21.13
C VAL B 46 -18.88 0.59 22.44
N GLY B 47 -17.72 -0.05 22.41
CA GLY B 47 -17.16 -0.61 23.64
C GLY B 47 -17.49 -2.07 23.79
N GLU B 48 -18.07 -2.65 22.74
CA GLU B 48 -18.36 -4.08 22.67
C GLU B 48 -18.20 -4.54 21.23
N TYR B 49 -18.06 -5.85 21.06
CA TYR B 49 -18.06 -6.45 19.73
C TYR B 49 -19.47 -6.47 19.15
N ARG B 50 -19.57 -6.28 17.84
CA ARG B 50 -20.85 -6.40 17.14
C ARG B 50 -20.67 -7.24 15.89
N ALA B 51 -21.60 -8.16 15.65
CA ALA B 51 -21.55 -8.95 14.43
C ALA B 51 -21.79 -8.06 13.23
N VAL B 52 -20.98 -8.24 12.20
CA VAL B 52 -21.16 -7.50 10.96
C VAL B 52 -22.01 -8.36 10.04
N THR B 53 -21.83 -9.67 10.12
CA THR B 53 -22.72 -10.59 9.40
C THR B 53 -23.14 -11.66 10.39
N GLU B 54 -24.11 -12.50 9.99
CA GLU B 54 -24.60 -13.54 10.88
C GLU B 54 -23.50 -14.51 11.32
N LEU B 55 -22.57 -14.72 10.40
CA LEU B 55 -21.42 -15.60 10.59
CA LEU B 55 -21.43 -15.60 10.61
C LEU B 55 -20.57 -15.20 11.82
N GLY B 56 -20.62 -13.92 12.18
CA GLY B 56 -19.77 -13.42 13.26
C GLY B 56 -20.47 -13.32 14.59
N ARG B 57 -21.76 -13.65 14.62
CA ARG B 57 -22.57 -13.56 15.84
C ARG B 57 -22.07 -14.39 17.02
N PRO B 58 -21.64 -15.65 16.78
CA PRO B 58 -21.17 -16.41 17.93
C PRO B 58 -19.96 -15.76 18.57
N ASP B 59 -19.09 -15.17 17.76
CA ASP B 59 -17.89 -14.54 18.26
C ASP B 59 -18.19 -13.27 19.04
N ALA B 60 -19.13 -12.46 18.53
CA ALA B 60 -19.55 -11.25 19.23
C ALA B 60 -20.06 -11.58 20.63
N GLU B 61 -20.91 -12.58 20.71
CA GLU B 61 -21.53 -13.01 21.96
C GLU B 61 -20.51 -13.65 22.90
N TYR B 62 -19.61 -14.47 22.37
CA TYR B 62 -18.61 -15.13 23.21
C TYR B 62 -17.64 -14.08 23.77
N TRP B 63 -17.15 -13.21 22.89
CA TRP B 63 -16.19 -12.20 23.30
C TRP B 63 -16.81 -11.16 24.23
N ASN B 64 -18.07 -10.81 24.01
CA ASN B 64 -18.72 -9.85 24.89
C ASN B 64 -18.97 -10.40 26.29
N SER B 65 -18.91 -11.71 26.44
CA SER B 65 -19.09 -12.32 27.75
C SER B 65 -17.79 -12.32 28.56
N GLN B 66 -16.70 -11.92 27.93
CA GLN B 66 -15.40 -11.88 28.59
C GLN B 66 -15.03 -10.46 28.96
N LYS B 67 -15.33 -10.10 30.21
CA LYS B 67 -15.11 -8.76 30.75
CA LYS B 67 -15.12 -8.74 30.69
C LYS B 67 -13.67 -8.28 30.60
N ASP B 68 -12.74 -9.16 30.94
CA ASP B 68 -11.32 -8.85 30.89
C ASP B 68 -10.87 -8.57 29.46
N LEU B 69 -11.37 -9.37 28.52
CA LEU B 69 -11.08 -9.16 27.11
C LEU B 69 -11.61 -7.81 26.64
N LEU B 70 -12.85 -7.49 27.00
CA LEU B 70 -13.46 -6.23 26.61
C LEU B 70 -12.71 -5.02 27.15
N GLU B 71 -12.26 -5.09 28.40
CA GLU B 71 -11.49 -3.99 29.01
C GLU B 71 -10.13 -3.83 28.34
N GLN B 72 -9.56 -4.92 27.86
CA GLN B 72 -8.33 -4.82 27.10
C GLN B 72 -8.60 -4.00 25.85
N LYS B 73 -9.68 -4.33 25.15
CA LYS B 73 -10.04 -3.64 23.92
C LYS B 73 -10.45 -2.18 24.19
N ARG B 74 -11.13 -1.96 25.31
CA ARG B 74 -11.55 -0.60 25.68
C ARG B 74 -10.41 0.34 26.03
N ALA B 75 -9.28 -0.22 26.44
CA ALA B 75 -8.13 0.59 26.82
C ALA B 75 -7.19 0.79 25.65
N ALA B 76 -7.46 0.11 24.53
CA ALA B 76 -6.56 0.09 23.39
C ALA B 76 -6.25 1.48 22.82
N VAL B 77 -7.23 2.38 22.83
CA VAL B 77 -6.99 3.73 22.33
C VAL B 77 -5.83 4.39 23.07
N ASP B 78 -5.65 4.02 24.34
CA ASP B 78 -4.55 4.54 25.14
C ASP B 78 -3.31 3.64 25.06
N THR B 79 -3.48 2.37 25.39
CA THR B 79 -2.35 1.46 25.55
C THR B 79 -1.76 0.97 24.23
N TYR B 80 -2.53 1.12 23.17
CA TYR B 80 -2.13 0.62 21.86
C TYR B 80 -2.00 1.75 20.84
N CYS B 81 -3.10 2.43 20.55
CA CYS B 81 -3.12 3.50 19.55
C CYS B 81 -2.25 4.69 19.92
N ARG B 82 -2.53 5.34 21.04
CA ARG B 82 -1.76 6.51 21.44
C ARG B 82 -0.30 6.14 21.67
N HIS B 83 -0.06 4.97 22.24
CA HIS B 83 1.30 4.51 22.46
C HIS B 83 2.09 4.38 21.15
N ASN B 84 1.53 3.65 20.19
CA ASN B 84 2.22 3.41 18.93
C ASN B 84 2.40 4.69 18.12
N TYR B 85 1.43 5.60 18.24
CA TYR B 85 1.54 6.90 17.59
C TYR B 85 2.80 7.61 18.08
N GLY B 86 2.99 7.58 19.40
CA GLY B 86 4.13 8.19 20.05
C GLY B 86 5.45 7.59 19.61
N VAL B 87 5.44 6.29 19.39
CA VAL B 87 6.64 5.51 19.02
C VAL B 87 7.15 5.87 17.63
N GLY B 88 6.21 6.07 16.71
CA GLY B 88 6.51 6.22 15.29
C GLY B 88 6.39 7.64 14.76
N GLU B 89 5.94 8.55 15.60
CA GLU B 89 5.61 9.92 15.21
C GLU B 89 6.75 10.65 14.50
N SER B 90 7.97 10.52 15.01
CA SER B 90 9.10 11.27 14.46
C SER B 90 9.43 10.89 13.01
N PHE B 91 9.13 9.66 12.59
CA PHE B 91 9.46 9.23 11.22
C PHE B 91 8.26 8.87 10.35
N THR B 92 7.04 9.12 10.85
CA THR B 92 5.84 8.85 10.06
C THR B 92 5.04 10.14 9.95
N VAL B 93 4.42 10.53 11.06
CA VAL B 93 3.65 11.77 11.12
C VAL B 93 4.47 12.98 10.67
N GLN B 94 5.73 13.03 11.11
CA GLN B 94 6.60 14.17 10.83
C GLN B 94 7.46 14.01 9.57
N ARG B 95 7.28 12.89 8.87
CA ARG B 95 8.05 12.63 7.66
C ARG B 95 7.70 13.63 6.56
N ARG B 96 8.73 14.28 6.01
CA ARG B 96 8.55 15.22 4.92
C ARG B 96 9.62 15.12 3.85
N VAL B 97 9.25 14.80 2.62
CA VAL B 97 10.28 14.80 1.60
C VAL B 97 9.81 15.64 0.42
N TYR B 98 10.57 16.67 0.06
CA TYR B 98 10.23 17.51 -1.08
C TYR B 98 10.23 16.68 -2.35
N PRO B 99 9.43 17.09 -3.33
CA PRO B 99 9.50 16.55 -4.70
C PRO B 99 10.58 17.13 -5.60
N GLU B 100 11.12 16.27 -6.46
CA GLU B 100 11.93 16.72 -7.59
C GLU B 100 10.94 16.93 -8.73
N VAL B 101 11.07 18.07 -9.40
CA VAL B 101 10.17 18.44 -10.47
C VAL B 101 10.88 18.61 -11.80
N THR B 102 10.40 17.87 -12.79
CA THR B 102 10.94 17.89 -14.14
C THR B 102 9.86 18.20 -15.15
N VAL B 103 10.16 19.06 -16.12
CA VAL B 103 9.25 19.31 -17.22
C VAL B 103 9.89 18.86 -18.52
N TYR B 104 9.17 18.05 -19.29
CA TYR B 104 9.62 17.62 -20.60
C TYR B 104 8.47 17.53 -21.59
N PRO B 105 8.74 17.77 -22.88
CA PRO B 105 7.68 17.71 -23.87
C PRO B 105 7.41 16.27 -24.28
N ALA B 106 6.18 16.01 -24.72
CA ALA B 106 5.76 14.70 -25.19
C ALA B 106 4.76 14.86 -26.33
N LYS B 107 4.22 13.73 -26.79
CA LYS B 107 3.29 13.73 -27.91
C LYS B 107 2.02 13.00 -27.50
N THR B 108 0.86 13.52 -27.86
CA THR B 108 -0.36 12.79 -27.57
C THR B 108 -0.54 11.62 -28.53
N GLN B 109 -0.15 11.81 -29.78
CA GLN B 109 -0.18 10.71 -30.73
C GLN B 109 1.11 10.71 -31.53
N PRO B 110 1.66 9.52 -31.83
CA PRO B 110 2.94 9.41 -32.53
C PRO B 110 2.94 10.22 -33.83
N LEU B 111 4.11 10.45 -34.42
CA LEU B 111 4.28 11.29 -35.62
C LEU B 111 3.98 12.78 -35.46
N GLN B 112 3.06 13.17 -34.57
CA GLN B 112 2.66 14.58 -34.49
C GLN B 112 3.75 15.35 -33.78
N HIS B 113 3.77 16.67 -33.97
CA HIS B 113 4.72 17.49 -33.24
C HIS B 113 4.40 17.47 -31.74
N HIS B 114 5.33 17.94 -30.93
CA HIS B 114 5.13 18.03 -29.48
C HIS B 114 3.89 18.85 -29.10
N ASN B 115 2.95 18.23 -28.41
CA ASN B 115 1.70 18.91 -28.07
C ASN B 115 1.29 18.52 -26.66
N LEU B 116 2.27 18.04 -25.90
CA LEU B 116 2.04 17.66 -24.52
C LEU B 116 3.21 18.08 -23.66
N LEU B 117 2.93 18.79 -22.58
CA LEU B 117 3.98 19.14 -21.62
C LEU B 117 3.77 18.33 -20.36
N VAL B 118 4.79 17.58 -19.99
CA VAL B 118 4.70 16.74 -18.82
C VAL B 118 5.40 17.37 -17.64
N CYS B 119 4.66 17.53 -16.55
CA CYS B 119 5.28 17.93 -15.30
C CYS B 119 5.40 16.68 -14.45
N SER B 120 6.63 16.18 -14.33
CA SER B 120 6.86 14.97 -13.56
C SER B 120 7.29 15.34 -12.15
N VAL B 121 6.48 14.94 -11.18
CA VAL B 121 6.72 15.27 -9.78
C VAL B 121 7.03 14.00 -9.00
N ASN B 122 8.26 13.87 -8.52
CA ASN B 122 8.76 12.60 -8.01
C ASN B 122 9.35 12.65 -6.60
N GLY B 123 9.13 11.56 -5.86
CA GLY B 123 9.84 11.32 -4.62
C GLY B 123 9.31 12.02 -3.38
N PHE B 124 8.07 12.50 -3.42
CA PHE B 124 7.57 13.30 -2.31
C PHE B 124 6.79 12.49 -1.27
N TYR B 125 6.72 13.04 -0.05
CA TYR B 125 5.91 12.50 1.04
C TYR B 125 5.56 13.65 2.00
N PRO B 126 4.30 13.70 2.48
CA PRO B 126 3.20 12.76 2.23
C PRO B 126 2.52 12.99 0.88
N GLY B 127 1.38 12.33 0.69
CA GLY B 127 0.75 12.29 -0.61
C GLY B 127 0.03 13.54 -1.07
N SER B 128 -0.44 14.34 -0.12
CA SER B 128 -1.20 15.56 -0.44
C SER B 128 -0.32 16.52 -1.22
N ILE B 129 -0.73 16.83 -2.45
CA ILE B 129 0.04 17.72 -3.32
C ILE B 129 -0.85 18.46 -4.30
N GLU B 130 -0.43 19.65 -4.70
CA GLU B 130 -1.16 20.41 -5.70
C GLU B 130 -0.21 20.86 -6.80
N VAL B 131 -0.52 20.47 -8.03
CA VAL B 131 0.29 20.82 -9.18
C VAL B 131 -0.55 21.60 -10.18
N ARG B 132 -0.04 22.77 -10.59
CA ARG B 132 -0.79 23.62 -11.52
C ARG B 132 0.10 24.10 -12.67
N TRP B 133 -0.53 24.30 -13.83
CA TRP B 133 0.18 24.78 -15.00
C TRP B 133 -0.08 26.24 -15.27
N PHE B 134 0.96 26.93 -15.74
CA PHE B 134 0.82 28.32 -16.12
C PHE B 134 1.44 28.53 -17.48
N ARG B 135 0.77 29.33 -18.30
CA ARG B 135 1.29 29.75 -19.59
C ARG B 135 1.43 31.27 -19.53
N ASN B 136 2.67 31.75 -19.61
CA ASN B 136 2.97 33.18 -19.47
C ASN B 136 2.34 33.82 -18.23
N GLY B 137 2.40 33.13 -17.10
CA GLY B 137 1.94 33.70 -15.84
C GLY B 137 0.46 33.53 -15.57
N GLN B 138 -0.26 32.93 -16.51
CA GLN B 138 -1.69 32.69 -16.36
C GLN B 138 -1.96 31.21 -16.15
N GLU B 139 -2.75 30.88 -15.14
CA GLU B 139 -3.03 29.47 -14.88
C GLU B 139 -3.84 28.89 -16.04
N GLU B 140 -3.42 27.73 -16.52
CA GLU B 140 -4.14 27.02 -17.56
C GLU B 140 -4.86 25.83 -16.93
N LYS B 141 -6.20 25.89 -16.94
CA LYS B 141 -7.01 24.83 -16.35
C LYS B 141 -7.65 23.89 -17.37
N THR B 142 -7.58 24.23 -18.65
CA THR B 142 -8.15 23.35 -19.67
C THR B 142 -7.08 22.43 -20.22
N GLY B 143 -7.47 21.23 -20.63
CA GLY B 143 -6.54 20.29 -21.22
C GLY B 143 -5.52 19.72 -20.26
N VAL B 144 -5.87 19.62 -18.98
CA VAL B 144 -4.95 19.06 -18.01
C VAL B 144 -5.37 17.64 -17.61
N VAL B 145 -4.45 16.70 -17.75
CA VAL B 145 -4.71 15.30 -17.39
C VAL B 145 -3.55 14.78 -16.54
N SER B 146 -3.85 13.85 -15.64
CA SER B 146 -2.83 13.33 -14.74
C SER B 146 -2.89 11.82 -14.55
N THR B 147 -1.78 11.27 -14.06
CA THR B 147 -1.75 9.88 -13.62
C THR B 147 -2.54 9.72 -12.33
N GLY B 148 -2.78 10.84 -11.64
CA GLY B 148 -3.28 10.78 -10.28
C GLY B 148 -2.12 10.55 -9.34
N LEU B 149 -2.42 10.33 -8.06
CA LEU B 149 -1.37 10.11 -7.08
C LEU B 149 -0.88 8.67 -7.13
N ILE B 150 0.41 8.49 -7.38
CA ILE B 150 0.98 7.16 -7.46
C ILE B 150 1.86 6.85 -6.27
N GLN B 151 1.53 5.77 -5.57
CA GLN B 151 2.39 5.27 -4.49
C GLN B 151 3.52 4.43 -5.08
N ASN B 152 4.74 4.67 -4.63
CA ASN B 152 5.88 3.88 -5.11
C ASN B 152 6.15 2.67 -4.23
N GLY B 153 5.49 2.62 -3.07
CA GLY B 153 5.58 1.50 -2.15
C GLY B 153 6.74 1.63 -1.19
N ASP B 154 7.49 2.71 -1.32
CA ASP B 154 8.71 2.89 -0.52
C ASP B 154 8.71 4.19 0.27
N TRP B 155 7.53 4.63 0.69
CA TRP B 155 7.34 5.88 1.42
C TRP B 155 7.66 7.11 0.58
N THR B 156 7.50 6.99 -0.73
CA THR B 156 7.55 8.16 -1.61
C THR B 156 6.40 8.07 -2.60
N PHE B 157 5.98 9.21 -3.12
CA PHE B 157 4.94 9.24 -4.14
C PHE B 157 5.48 9.85 -5.41
N GLN B 158 4.71 9.71 -6.49
CA GLN B 158 4.97 10.50 -7.69
C GLN B 158 3.65 10.81 -8.37
N THR B 159 3.67 11.77 -9.27
CA THR B 159 2.53 12.06 -10.12
C THR B 159 3.01 12.76 -11.37
N LEU B 160 2.38 12.47 -12.50
CA LEU B 160 2.64 13.21 -13.71
C LEU B 160 1.43 14.08 -14.00
N VAL B 161 1.66 15.36 -14.25
CA VAL B 161 0.58 16.28 -14.59
C VAL B 161 0.87 16.86 -15.95
N MET B 162 0.03 16.50 -16.90
CA MET B 162 0.25 16.86 -18.29
C MET B 162 -0.66 17.97 -18.79
N LEU B 163 -0.10 18.83 -19.62
CA LEU B 163 -0.86 19.91 -20.23
C LEU B 163 -0.89 19.73 -21.74
N GLU B 164 -2.10 19.58 -22.28
CA GLU B 164 -2.25 19.53 -23.73
C GLU B 164 -2.20 20.95 -24.27
N THR B 165 -1.22 21.21 -25.12
CA THR B 165 -0.97 22.55 -25.61
C THR B 165 -0.12 22.49 -26.86
N VAL B 166 -0.26 23.51 -27.72
CA VAL B 166 0.61 23.67 -28.86
C VAL B 166 1.54 24.84 -28.58
N PRO B 167 2.79 24.53 -28.18
CA PRO B 167 3.73 25.59 -27.81
C PRO B 167 4.04 26.55 -28.96
N ARG B 168 3.99 27.84 -28.65
CA ARG B 168 4.35 28.87 -29.62
C ARG B 168 5.66 29.53 -29.20
N SER B 169 6.45 29.96 -30.17
CA SER B 169 7.73 30.61 -29.88
C SER B 169 7.53 31.79 -28.93
N GLY B 170 8.36 31.86 -27.89
CA GLY B 170 8.29 32.95 -26.93
C GLY B 170 7.56 32.58 -25.65
N GLU B 171 6.58 31.69 -25.76
CA GLU B 171 5.79 31.27 -24.61
C GLU B 171 6.68 30.67 -23.53
N VAL B 172 6.38 31.00 -22.29
CA VAL B 172 7.02 30.33 -21.17
C VAL B 172 5.96 29.61 -20.34
N TYR B 173 6.15 28.31 -20.19
CA TYR B 173 5.24 27.52 -19.39
C TYR B 173 5.83 27.26 -18.02
N THR B 174 4.96 27.21 -17.01
CA THR B 174 5.42 26.99 -15.66
C THR B 174 4.60 25.92 -14.97
N CYS B 175 5.30 24.95 -14.39
CA CYS B 175 4.66 23.98 -13.54
C CYS B 175 4.89 24.40 -12.09
N GLN B 176 3.80 24.49 -11.32
CA GLN B 176 3.89 24.95 -9.95
C GLN B 176 3.45 23.87 -8.98
N VAL B 177 4.26 23.63 -7.94
CA VAL B 177 3.98 22.53 -7.03
C VAL B 177 3.89 23.05 -5.61
N GLU B 178 2.80 22.71 -4.93
CA GLU B 178 2.64 23.03 -3.52
C GLU B 178 2.55 21.73 -2.72
N HIS B 179 3.18 21.71 -1.56
CA HIS B 179 3.35 20.49 -0.80
C HIS B 179 3.73 20.85 0.63
N PRO B 180 3.32 20.03 1.62
CA PRO B 180 3.62 20.33 3.02
C PRO B 180 5.11 20.48 3.32
N SER B 181 5.95 19.87 2.49
CA SER B 181 7.40 19.94 2.69
C SER B 181 7.97 21.27 2.23
N LEU B 182 7.17 22.04 1.49
CA LEU B 182 7.62 23.31 0.93
C LEU B 182 7.06 24.49 1.72
N THR B 183 7.83 25.58 1.79
CA THR B 183 7.40 26.77 2.50
C THR B 183 6.90 27.83 1.52
N SER B 184 7.13 27.57 0.23
CA SER B 184 6.62 28.40 -0.84
C SER B 184 6.53 27.55 -2.10
N PRO B 185 5.70 27.97 -3.08
CA PRO B 185 5.54 27.11 -4.26
C PRO B 185 6.85 26.85 -5.00
N LEU B 186 7.00 25.61 -5.46
CA LEU B 186 8.14 25.24 -6.27
C LEU B 186 7.72 25.35 -7.74
N THR B 187 8.47 26.12 -8.52
CA THR B 187 8.14 26.33 -9.92
C THR B 187 9.26 25.88 -10.84
N VAL B 188 8.89 25.29 -11.97
CA VAL B 188 9.84 24.92 -13.01
C VAL B 188 9.34 25.47 -14.34
N GLU B 189 10.21 26.19 -15.04
CA GLU B 189 9.83 26.77 -16.31
C GLU B 189 10.25 25.89 -17.48
N TRP B 190 9.50 26.00 -18.56
CA TRP B 190 9.85 25.36 -19.82
C TRP B 190 9.60 26.35 -20.94
N ARG B 191 10.60 26.52 -21.80
CA ARG B 191 10.49 27.44 -22.93
C ARG B 191 10.51 26.67 -24.24
N ALA B 192 9.67 27.10 -25.18
CA ALA B 192 9.75 26.60 -26.56
C ALA B 192 10.80 27.31 -27.39
N GLY C 1 11.27 3.90 21.38
CA GLY C 1 10.14 3.23 21.97
C GLY C 1 9.86 1.88 21.34
N VAL C 2 8.96 1.11 21.96
CA VAL C 2 8.65 -0.23 21.49
C VAL C 2 7.22 -0.33 20.99
N TYR C 3 7.05 -0.76 19.74
CA TYR C 3 5.71 -0.96 19.18
C TYR C 3 4.99 -2.06 19.93
N ALA C 4 3.72 -1.81 20.27
CA ALA C 4 2.91 -2.79 20.97
C ALA C 4 1.99 -3.52 20.01
N THR C 5 1.80 -4.82 20.26
CA THR C 5 0.89 -5.65 19.49
C THR C 5 -0.50 -5.66 20.10
N SER C 7 -3.66 -7.86 20.68
CA SER C 7 -3.70 -9.28 20.31
C SER C 7 -4.96 -9.63 19.53
N SER C 8 -4.96 -10.81 18.93
CA SER C 8 -6.13 -11.30 18.22
C SER C 8 -6.94 -12.22 19.11
N ALA C 9 -8.24 -11.97 19.18
CA ALA C 9 -9.12 -12.70 20.08
C ALA C 9 -9.35 -14.14 19.63
N VAL C 10 -9.43 -15.05 20.59
CA VAL C 10 -9.57 -16.47 20.31
C VAL C 10 -11.05 -16.85 20.14
N LEU C 12 -14.27 -19.43 19.75
CA LEU C 12 -14.57 -20.63 20.56
C LEU C 12 -14.84 -21.82 19.65
#